data_8OVR
#
_entry.id   8OVR
#
_cell.length_a   192.876
_cell.length_b   59.803
_cell.length_c   68.707
_cell.angle_alpha   90.000
_cell.angle_beta   108.180
_cell.angle_gamma   90.000
#
_symmetry.space_group_name_H-M   'C 1 2 1'
#
loop_
_entity.id
_entity.type
_entity.pdbx_description
1 polymer 'Chitinase B'
2 non-polymer "PIPERAZINE-N,N'-BIS(2-ETHANESULFONIC ACID)"
3 non-polymer 'SODIUM ION'
4 non-polymer 'TETRAETHYLENE GLYCOL'
5 water water
#
_entity_poly.entity_id   1
_entity_poly.type   'polypeptide(L)'
_entity_poly.pdbx_seq_one_letter_code
;MNTISVKAMSKSSDTTEITSQSTTKLRNVMYYGDWSIWGGQGNFYPKDIPADKLTHLNFAFMDFNSSGELIYCDKDAAIG
HPLGNLGVTYGDVNGGILNAFQVLKSENPNLKIGVSLGGWSKSGDFSTIAATPSIRAKFVENVMKFIKYTNMDFVDIDWE
YPGDYREPDKTDNINDEGTPNASAGDKENYILLLQDLKEALNKQGKELGKVYELSVALPAGVSKIEKGIDVDKLFNIVDF
ANIMTYDMAGAWSTTSGHQTALYTNPNAPEEYKGLSVDESVKYYISQGAEREKIVVGAAYYTRGWEQVSDKGTDPNNPGL
FGEAAVVNKDADLSPTPGALNEAPMKNGEGGRAGGVWGYNALDKLKSKYTGLKEYWDDSAKAPYLYNSETGAFFTYDNIR
SIQEKAKYVKENNLGGIIGWMASQDATTNSTKRDELTTATKESLFGKEDLPKYEIKYTENDITCTVTPVKQSWGSGGVLK
MSITNNEKLDESGEVLSTVETSAKTVKNMKVYIKTDGIAITGSQYPAGPVTKEGDYYVIDFGKISDGKLMKAGITFTFDL
NLDKAIEDTNNIISIEVSQRMYQTSPEFNRQTIWENTNSPRNKGELEGKPIPNPLLGLDSTRTGHHHHHH
;
_entity_poly.pdbx_strand_id   A
#
loop_
_chem_comp.id
_chem_comp.type
_chem_comp.name
_chem_comp.formula
NA non-polymer 'SODIUM ION' 'Na 1'
PG4 non-polymer 'TETRAETHYLENE GLYCOL' 'C8 H18 O5'
PIN non-polymer 'PIPERAZINE-N,N'-BIS(2-ETHANESULFONIC ACID)' 'C8 H18 N2 O6 S2'
#
# COMPACT_ATOMS: atom_id res chain seq x y z
N LYS A 25 -16.09 -3.37 -13.54
CA LYS A 25 -14.69 -3.80 -13.51
C LYS A 25 -14.30 -4.18 -12.09
N LEU A 26 -13.77 -5.39 -11.93
CA LEU A 26 -13.42 -5.87 -10.61
C LEU A 26 -12.08 -5.33 -10.15
N ARG A 27 -11.84 -5.45 -8.84
CA ARG A 27 -10.64 -4.97 -8.18
CA ARG A 27 -10.63 -4.97 -8.19
C ARG A 27 -10.01 -6.11 -7.39
N ASN A 28 -8.69 -6.18 -7.43
CA ASN A 28 -7.94 -7.10 -6.60
C ASN A 28 -7.01 -6.21 -5.78
N VAL A 29 -7.34 -6.00 -4.51
CA VAL A 29 -6.72 -4.97 -3.66
C VAL A 29 -5.83 -5.65 -2.63
N MET A 30 -4.68 -5.03 -2.33
CA MET A 30 -3.77 -5.64 -1.38
C MET A 30 -3.25 -4.58 -0.42
N TYR A 31 -3.24 -4.91 0.87
CA TYR A 31 -2.51 -4.13 1.85
C TYR A 31 -1.04 -4.54 1.93
N TYR A 32 -0.16 -3.56 2.00
CA TYR A 32 1.26 -3.77 2.29
C TYR A 32 1.67 -2.89 3.44
N GLY A 33 1.96 -3.50 4.59
CA GLY A 33 2.35 -2.74 5.77
C GLY A 33 3.78 -2.26 5.67
N ASP A 34 4.02 -1.05 6.19
CA ASP A 34 5.38 -0.52 6.13
C ASP A 34 6.35 -1.36 6.94
N TRP A 35 5.83 -2.14 7.89
CA TRP A 35 6.67 -3.00 8.71
C TRP A 35 6.98 -4.33 8.06
N SER A 36 6.50 -4.55 6.83
CA SER A 36 6.85 -5.72 6.05
C SER A 36 8.36 -5.87 5.91
N ILE A 37 9.09 -4.74 5.94
CA ILE A 37 10.50 -4.73 5.53
C ILE A 37 11.44 -5.20 6.64
N TRP A 38 10.92 -5.40 7.85
CA TRP A 38 11.77 -5.80 8.96
C TRP A 38 11.65 -7.31 9.20
N GLY A 39 12.43 -7.80 10.18
CA GLY A 39 12.57 -9.22 10.38
C GLY A 39 11.28 -9.93 10.76
N GLY A 40 10.35 -9.24 11.47
CA GLY A 40 9.13 -9.88 11.87
C GLY A 40 8.32 -10.41 10.70
N GLN A 41 8.42 -9.77 9.54
CA GLN A 41 7.74 -10.23 8.34
C GLN A 41 8.72 -10.77 7.29
N GLY A 42 9.92 -11.14 7.71
CA GLY A 42 10.85 -11.77 6.80
C GLY A 42 11.45 -10.84 5.78
N ASN A 43 11.55 -9.55 6.10
CA ASN A 43 12.32 -8.59 5.31
C ASN A 43 11.84 -8.57 3.87
N PHE A 44 10.57 -8.27 3.73
CA PHE A 44 9.83 -8.40 2.48
C PHE A 44 9.73 -7.04 1.83
N TYR A 45 10.48 -6.84 0.73
CA TYR A 45 10.54 -5.52 0.11
C TYR A 45 9.55 -5.43 -1.04
N PRO A 46 9.16 -4.20 -1.43
CA PRO A 46 8.08 -4.08 -2.44
C PRO A 46 8.39 -4.73 -3.76
N LYS A 47 9.67 -4.81 -4.16
CA LYS A 47 9.97 -5.42 -5.45
C LYS A 47 9.50 -6.87 -5.53
N ASP A 48 9.23 -7.51 -4.39
CA ASP A 48 8.78 -8.90 -4.40
C ASP A 48 7.28 -9.06 -4.22
N ILE A 49 6.53 -7.95 -4.34
CA ILE A 49 5.07 -7.96 -4.48
C ILE A 49 4.69 -8.37 -5.90
N PRO A 50 3.73 -9.27 -6.06
CA PRO A 50 3.29 -9.66 -7.43
C PRO A 50 2.35 -8.61 -8.02
N ALA A 51 2.94 -7.48 -8.38
CA ALA A 51 2.16 -6.30 -8.74
C ALA A 51 1.38 -6.48 -10.03
N ASP A 52 1.79 -7.40 -10.91
CA ASP A 52 1.03 -7.64 -12.14
C ASP A 52 -0.26 -8.42 -11.90
N LYS A 53 -0.53 -8.82 -10.66
CA LYS A 53 -1.72 -9.55 -10.27
C LYS A 53 -2.71 -8.70 -9.48
N LEU A 54 -2.39 -7.41 -9.23
CA LEU A 54 -3.15 -6.51 -8.37
C LEU A 54 -3.72 -5.37 -9.20
N THR A 55 -4.92 -4.89 -8.85
CA THR A 55 -5.35 -3.61 -9.40
C THR A 55 -5.01 -2.44 -8.48
N HIS A 56 -4.93 -2.69 -7.16
CA HIS A 56 -4.77 -1.62 -6.17
C HIS A 56 -3.83 -2.11 -5.07
N LEU A 57 -2.83 -1.30 -4.74
CA LEU A 57 -1.86 -1.58 -3.67
C LEU A 57 -1.88 -0.45 -2.65
N ASN A 58 -2.25 -0.79 -1.39
CA ASN A 58 -2.43 0.18 -0.31
C ASN A 58 -1.18 0.22 0.55
N PHE A 59 -0.54 1.37 0.64
CA PHE A 59 0.51 1.58 1.64
C PHE A 59 -0.12 1.74 3.01
N ALA A 60 0.17 0.84 3.93
CA ALA A 60 -0.45 0.85 5.26
C ALA A 60 0.65 1.06 6.30
N PHE A 61 0.56 2.10 7.13
CA PHE A 61 -0.45 3.13 7.27
C PHE A 61 0.25 4.45 7.40
N MET A 62 -0.43 5.50 6.98
CA MET A 62 -0.02 6.86 7.29
C MET A 62 -0.77 7.33 8.55
N ASP A 63 -0.02 7.82 9.53
CA ASP A 63 -0.58 8.41 10.73
C ASP A 63 -0.80 9.92 10.50
N PHE A 64 -1.42 10.55 11.47
CA PHE A 64 -1.69 11.98 11.44
C PHE A 64 -2.08 12.38 12.85
N ASN A 65 -1.90 13.66 13.14
CA ASN A 65 -2.20 14.16 14.47
C ASN A 65 -3.48 14.99 14.47
N SER A 66 -3.83 15.49 15.66
CA SER A 66 -5.14 16.12 15.86
C SER A 66 -5.25 17.48 15.19
N SER A 67 -4.14 18.01 14.67
CA SER A 67 -4.15 19.25 13.88
C SER A 67 -4.22 19.01 12.38
N GLY A 68 -4.33 17.76 11.96
CA GLY A 68 -4.41 17.39 10.57
C GLY A 68 -3.08 17.25 9.87
N GLU A 69 -1.97 17.32 10.59
CA GLU A 69 -0.66 17.11 9.99
CA GLU A 69 -0.66 17.10 10.00
C GLU A 69 -0.37 15.62 9.87
N LEU A 70 0.20 15.20 8.73
CA LEU A 70 0.53 13.82 8.51
C LEU A 70 1.78 13.46 9.30
N ILE A 71 1.84 12.22 9.75
CA ILE A 71 2.90 11.72 10.63
C ILE A 71 3.25 10.29 10.19
N TYR A 72 4.54 10.02 9.94
CA TYR A 72 4.94 8.66 9.59
C TYR A 72 4.80 7.69 10.76
N CYS A 73 4.43 6.46 10.43
CA CYS A 73 4.62 5.37 11.39
C CYS A 73 6.09 4.98 11.43
N ASP A 74 6.71 4.75 10.27
CA ASP A 74 8.12 4.38 10.16
C ASP A 74 8.73 5.22 9.04
N LYS A 75 9.45 6.26 9.44
CA LYS A 75 10.03 7.18 8.47
C LYS A 75 11.05 6.50 7.57
N ASP A 76 12.00 5.76 8.16
CA ASP A 76 13.00 5.09 7.33
C ASP A 76 12.35 4.18 6.30
N ALA A 77 11.33 3.41 6.72
CA ALA A 77 10.64 2.51 5.80
C ALA A 77 10.05 3.31 4.64
N ALA A 78 9.43 4.45 4.95
CA ALA A 78 8.72 5.20 3.92
C ALA A 78 9.65 5.90 2.93
N ILE A 79 10.79 6.45 3.39
CA ILE A 79 11.55 7.36 2.54
C ILE A 79 13.05 7.09 2.45
N GLY A 80 13.58 6.14 3.24
CA GLY A 80 15.03 6.00 3.34
C GLY A 80 15.61 4.64 3.03
N HIS A 81 14.85 3.56 3.21
CA HIS A 81 15.42 2.21 3.13
C HIS A 81 15.81 1.87 1.69
N PRO A 82 16.97 1.23 1.47
CA PRO A 82 17.34 0.84 0.08
C PRO A 82 16.47 -0.25 -0.51
N LEU A 83 15.84 -1.07 0.32
CA LEU A 83 14.86 -2.07 -0.12
C LEU A 83 15.40 -3.01 -1.19
N GLY A 84 16.63 -3.44 -1.00
CA GLY A 84 17.23 -4.41 -1.90
C GLY A 84 17.65 -3.88 -3.26
N ASN A 85 17.64 -2.58 -3.47
CA ASN A 85 18.05 -2.00 -4.74
C ASN A 85 19.54 -1.68 -4.72
N LEU A 86 20.28 -2.30 -5.63
CA LEU A 86 21.73 -2.38 -5.41
C LEU A 86 22.39 -1.01 -5.39
N GLY A 87 21.94 -0.10 -6.23
CA GLY A 87 22.64 1.19 -6.23
C GLY A 87 22.23 2.20 -5.18
N VAL A 88 21.34 1.84 -4.24
CA VAL A 88 20.74 2.79 -3.29
C VAL A 88 21.41 2.65 -1.94
N THR A 89 21.91 3.77 -1.42
CA THR A 89 22.49 3.83 -0.08
C THR A 89 21.43 4.34 0.90
N TYR A 90 21.39 3.76 2.10
CA TYR A 90 20.42 4.16 3.12
C TYR A 90 20.36 5.68 3.25
N GLY A 91 19.13 6.22 3.21
CA GLY A 91 18.91 7.64 3.31
C GLY A 91 18.90 8.39 1.98
N ASP A 92 19.43 7.79 0.90
CA ASP A 92 19.35 8.39 -0.42
C ASP A 92 17.88 8.69 -0.70
N VAL A 93 17.62 9.81 -1.39
N VAL A 93 17.60 9.82 -1.37
CA VAL A 93 16.25 10.29 -1.52
CA VAL A 93 16.21 10.24 -1.46
C VAL A 93 15.43 9.38 -2.41
C VAL A 93 15.40 9.35 -2.41
N ASN A 94 16.06 8.57 -3.27
CA ASN A 94 15.30 7.60 -4.06
C ASN A 94 15.03 6.31 -3.30
N GLY A 95 15.42 6.22 -2.03
CA GLY A 95 15.05 5.08 -1.22
C GLY A 95 13.59 5.13 -0.76
N GLY A 96 13.23 4.15 0.07
CA GLY A 96 11.93 4.16 0.73
C GLY A 96 10.83 3.44 -0.07
N ILE A 97 9.81 3.00 0.67
CA ILE A 97 8.70 2.24 0.09
C ILE A 97 7.91 3.08 -0.91
N LEU A 98 7.70 4.37 -0.60
CA LEU A 98 6.84 5.19 -1.47
C LEU A 98 7.43 5.25 -2.89
N ASN A 99 8.73 5.50 -3.00
CA ASN A 99 9.38 5.46 -4.31
C ASN A 99 9.33 4.05 -4.92
N ALA A 100 9.49 3.00 -4.11
CA ALA A 100 9.39 1.65 -4.65
C ALA A 100 8.02 1.38 -5.26
N PHE A 101 6.95 1.93 -4.66
CA PHE A 101 5.61 1.78 -5.21
C PHE A 101 5.52 2.42 -6.59
N GLN A 102 6.16 3.58 -6.76
CA GLN A 102 6.14 4.19 -8.08
C GLN A 102 6.80 3.29 -9.09
N VAL A 103 7.90 2.63 -8.71
CA VAL A 103 8.56 1.75 -9.63
C VAL A 103 7.68 0.54 -9.94
N LEU A 104 6.99 0.00 -8.92
CA LEU A 104 6.09 -1.11 -9.20
C LEU A 104 5.08 -0.74 -10.25
N LYS A 105 4.54 0.47 -10.16
CA LYS A 105 3.53 0.90 -11.11
C LYS A 105 4.14 1.06 -12.50
N SER A 106 5.33 1.66 -12.61
CA SER A 106 5.96 1.80 -13.92
CA SER A 106 6.01 1.79 -13.90
C SER A 106 6.26 0.45 -14.55
N GLU A 107 6.62 -0.57 -13.73
CA GLU A 107 6.93 -1.90 -14.22
C GLU A 107 5.67 -2.74 -14.45
N ASN A 108 4.53 -2.28 -13.93
CA ASN A 108 3.28 -3.05 -13.93
C ASN A 108 2.13 -2.06 -14.04
N PRO A 109 1.90 -1.52 -15.24
CA PRO A 109 1.00 -0.38 -15.36
C PRO A 109 -0.47 -0.73 -15.22
N ASN A 110 -0.77 -2.00 -14.98
CA ASN A 110 -2.07 -2.39 -14.47
C ASN A 110 -2.35 -1.89 -13.07
N LEU A 111 -1.34 -1.40 -12.36
CA LEU A 111 -1.43 -1.13 -10.94
C LEU A 111 -1.77 0.32 -10.64
N LYS A 112 -2.70 0.52 -9.70
CA LYS A 112 -2.90 1.81 -9.05
C LYS A 112 -2.32 1.71 -7.64
N ILE A 113 -1.63 2.75 -7.19
CA ILE A 113 -0.97 2.76 -5.87
C ILE A 113 -1.64 3.82 -5.00
N GLY A 114 -1.76 3.56 -3.69
CA GLY A 114 -2.47 4.50 -2.85
C GLY A 114 -2.03 4.37 -1.43
N VAL A 115 -2.65 5.19 -0.58
CA VAL A 115 -2.22 5.36 0.80
C VAL A 115 -3.41 5.13 1.72
N SER A 116 -3.22 4.27 2.71
CA SER A 116 -4.22 4.00 3.75
C SER A 116 -3.88 4.86 4.98
N LEU A 117 -4.82 5.69 5.41
CA LEU A 117 -4.66 6.58 6.54
C LEU A 117 -5.35 5.97 7.74
N GLY A 118 -4.63 5.87 8.85
CA GLY A 118 -5.21 5.41 10.11
C GLY A 118 -4.96 3.94 10.37
N GLY A 119 -6.00 3.11 10.23
CA GLY A 119 -5.95 1.73 10.62
C GLY A 119 -6.30 1.59 12.09
N TRP A 120 -6.31 0.33 12.53
CA TRP A 120 -6.77 0.03 13.91
C TRP A 120 -5.97 0.80 14.95
N SER A 121 -4.67 0.93 14.73
CA SER A 121 -3.79 1.50 15.75
C SER A 121 -3.58 3.00 15.63
N LYS A 122 -4.03 3.65 14.55
CA LYS A 122 -3.75 5.07 14.34
C LYS A 122 -5.03 5.81 13.92
N SER A 123 -6.15 5.39 14.48
CA SER A 123 -7.42 6.07 14.24
C SER A 123 -7.80 7.04 15.36
N GLY A 124 -6.92 7.27 16.34
CA GLY A 124 -7.30 8.09 17.48
C GLY A 124 -7.55 9.55 17.15
N ASP A 125 -6.95 10.08 16.08
CA ASP A 125 -7.12 11.50 15.82
C ASP A 125 -8.21 11.82 14.80
N PHE A 126 -8.90 10.80 14.27
CA PHE A 126 -9.96 11.09 13.31
C PHE A 126 -11.09 11.91 13.94
N SER A 127 -11.52 11.56 15.14
CA SER A 127 -12.69 12.23 15.69
C SER A 127 -12.48 13.75 15.75
N THR A 128 -11.32 14.16 16.22
CA THR A 128 -11.03 15.59 16.34
C THR A 128 -10.93 16.27 14.96
N ILE A 129 -10.20 15.65 14.03
N ILE A 129 -10.21 15.66 14.02
CA ILE A 129 -10.05 16.26 12.71
CA ILE A 129 -10.06 16.31 12.72
C ILE A 129 -11.40 16.41 12.03
C ILE A 129 -11.40 16.42 12.02
N ALA A 130 -12.25 15.39 12.14
CA ALA A 130 -13.49 15.40 11.38
C ALA A 130 -14.50 16.38 11.95
N ALA A 131 -14.35 16.78 13.19
CA ALA A 131 -15.36 17.57 13.87
C ALA A 131 -15.23 19.06 13.60
N THR A 132 -14.08 19.52 13.15
CA THR A 132 -13.83 20.95 12.97
C THR A 132 -13.51 21.24 11.51
N PRO A 133 -14.31 22.07 10.84
CA PRO A 133 -14.13 22.25 9.39
C PRO A 133 -12.72 22.70 9.00
N SER A 134 -12.10 23.59 9.78
CA SER A 134 -10.78 24.09 9.41
C SER A 134 -9.72 23.00 9.53
N ILE A 135 -9.88 22.07 10.48
CA ILE A 135 -8.89 21.00 10.62
C ILE A 135 -9.13 19.97 9.54
N ARG A 136 -10.40 19.70 9.25
CA ARG A 136 -10.73 18.81 8.15
C ARG A 136 -10.10 19.31 6.87
N ALA A 137 -10.24 20.61 6.61
CA ALA A 137 -9.69 21.20 5.41
C ALA A 137 -8.17 21.09 5.37
N LYS A 138 -7.51 21.27 6.51
CA LYS A 138 -6.06 21.15 6.54
C LYS A 138 -5.61 19.71 6.26
N PHE A 139 -6.25 18.74 6.92
CA PHE A 139 -5.98 17.33 6.68
C PHE A 139 -6.13 17.00 5.19
N VAL A 140 -7.25 17.41 4.59
CA VAL A 140 -7.50 17.12 3.19
C VAL A 140 -6.41 17.72 2.31
N GLU A 141 -6.05 19.00 2.56
CA GLU A 141 -4.99 19.66 1.81
C GLU A 141 -3.68 18.88 1.93
N ASN A 142 -3.38 18.39 3.13
CA ASN A 142 -2.11 17.68 3.30
C ASN A 142 -2.12 16.33 2.58
N VAL A 143 -3.26 15.65 2.59
CA VAL A 143 -3.38 14.39 1.86
C VAL A 143 -3.26 14.62 0.36
N MET A 144 -3.87 15.69 -0.16
CA MET A 144 -3.74 15.99 -1.59
C MET A 144 -2.29 16.24 -1.98
N LYS A 145 -1.55 17.00 -1.15
CA LYS A 145 -0.13 17.23 -1.40
C LYS A 145 0.66 15.93 -1.37
N PHE A 146 0.38 15.09 -0.38
CA PHE A 146 1.07 13.81 -0.26
C PHE A 146 0.92 12.99 -1.54
N ILE A 147 -0.32 12.83 -2.01
CA ILE A 147 -0.49 11.97 -3.16
C ILE A 147 0.00 12.64 -4.46
N LYS A 148 0.06 13.97 -4.49
CA LYS A 148 0.72 14.64 -5.60
C LYS A 148 2.21 14.28 -5.65
N TYR A 149 2.91 14.41 -4.51
CA TYR A 149 4.35 14.20 -4.54
C TYR A 149 4.72 12.73 -4.69
N THR A 150 3.89 11.80 -4.22
CA THR A 150 4.17 10.38 -4.36
C THR A 150 3.59 9.79 -5.64
N ASN A 151 2.89 10.61 -6.45
CA ASN A 151 2.20 10.17 -7.69
C ASN A 151 1.22 9.02 -7.42
N MET A 152 0.58 9.04 -6.24
CA MET A 152 -0.38 8.01 -5.89
C MET A 152 -1.72 8.32 -6.55
N ASP A 153 -2.55 7.27 -6.62
CA ASP A 153 -3.76 7.26 -7.43
C ASP A 153 -5.04 7.19 -6.61
N PHE A 154 -4.95 6.88 -5.33
CA PHE A 154 -6.13 6.83 -4.49
C PHE A 154 -5.76 7.04 -3.04
N VAL A 155 -6.80 7.37 -2.29
CA VAL A 155 -6.75 7.61 -0.86
C VAL A 155 -7.71 6.61 -0.25
N ASP A 156 -7.24 5.88 0.77
CA ASP A 156 -8.03 4.90 1.49
C ASP A 156 -8.12 5.34 2.94
N ILE A 157 -9.31 5.61 3.44
CA ILE A 157 -9.49 6.08 4.83
C ILE A 157 -9.90 4.88 5.66
N ASP A 158 -9.05 4.50 6.61
CA ASP A 158 -9.27 3.36 7.46
C ASP A 158 -9.56 3.88 8.88
N TRP A 159 -10.71 4.50 9.04
CA TRP A 159 -11.15 4.96 10.36
C TRP A 159 -11.80 3.78 11.06
N GLU A 160 -11.09 3.23 12.07
CA GLU A 160 -11.48 1.99 12.72
C GLU A 160 -11.57 2.30 14.20
N TYR A 161 -12.72 2.78 14.67
CA TYR A 161 -13.98 2.95 13.96
C TYR A 161 -14.69 4.23 14.47
N PRO A 162 -15.44 4.90 13.60
CA PRO A 162 -16.22 6.07 14.04
C PRO A 162 -17.31 5.66 15.02
N GLY A 163 -17.47 6.50 16.04
CA GLY A 163 -18.51 6.33 17.00
C GLY A 163 -18.30 5.20 17.99
N ASP A 164 -17.14 4.58 17.97
CA ASP A 164 -16.81 3.40 18.77
C ASP A 164 -15.79 3.77 19.82
N TYR A 165 -16.24 3.96 21.06
CA TYR A 165 -15.32 4.29 22.16
C TYR A 165 -14.40 3.10 22.46
N ARG A 166 -13.10 3.31 22.36
CA ARG A 166 -12.12 2.24 22.53
C ARG A 166 -10.84 2.84 23.08
N GLU A 167 -10.31 2.26 24.18
CA GLU A 167 -9.03 2.73 24.66
C GLU A 167 -7.92 1.93 24.00
N PRO A 168 -6.70 2.47 23.96
CA PRO A 168 -5.54 1.66 23.54
C PRO A 168 -5.45 0.34 24.31
N ASP A 169 -4.84 -0.65 23.66
CA ASP A 169 -4.44 -1.90 24.31
C ASP A 169 -2.93 -1.97 24.19
N LYS A 170 -2.26 -1.40 25.19
CA LYS A 170 -0.80 -1.28 25.17
C LYS A 170 -0.12 -2.63 25.30
N THR A 171 -0.83 -3.66 25.81
CA THR A 171 -0.23 -5.00 25.82
C THR A 171 -0.08 -5.54 24.40
N ASP A 172 -1.09 -5.38 23.58
CA ASP A 172 -1.00 -5.74 22.17
C ASP A 172 0.02 -4.90 21.43
N ASN A 173 -0.05 -3.56 21.59
CA ASN A 173 0.72 -2.65 20.72
C ASN A 173 0.93 -1.35 21.47
N ILE A 174 2.17 -1.09 21.89
CA ILE A 174 2.48 0.13 22.62
C ILE A 174 2.15 1.40 21.84
N ASN A 175 2.04 1.32 20.52
CA ASN A 175 1.73 2.44 19.65
C ASN A 175 0.26 2.55 19.31
N ASP A 176 -0.58 1.69 19.88
CA ASP A 176 -2.03 1.73 19.61
C ASP A 176 -2.61 3.01 20.23
N GLU A 177 -3.32 3.80 19.40
CA GLU A 177 -4.00 4.99 19.92
C GLU A 177 -5.38 4.70 20.51
N GLY A 178 -6.00 3.59 20.11
CA GLY A 178 -7.42 3.41 20.31
C GLY A 178 -8.22 4.51 19.59
N THR A 179 -9.46 4.68 20.05
CA THR A 179 -10.34 5.77 19.63
C THR A 179 -11.05 6.32 20.88
N PRO A 180 -10.28 6.86 21.83
CA PRO A 180 -10.85 7.24 23.12
C PRO A 180 -11.72 8.48 23.05
N ASN A 181 -11.62 9.25 21.96
CA ASN A 181 -12.44 10.45 21.78
C ASN A 181 -13.61 10.23 20.83
N ALA A 182 -13.97 8.98 20.58
CA ALA A 182 -15.12 8.67 19.74
C ALA A 182 -16.38 9.34 20.28
N SER A 183 -17.29 9.68 19.38
CA SER A 183 -18.55 10.26 19.83
C SER A 183 -19.63 10.06 18.79
N ALA A 184 -20.87 10.38 19.19
CA ALA A 184 -22.02 10.21 18.32
C ALA A 184 -21.93 11.09 17.10
N GLY A 185 -21.16 12.18 17.17
CA GLY A 185 -21.00 13.03 16.00
C GLY A 185 -20.12 12.44 14.93
N ASP A 186 -19.37 11.38 15.25
CA ASP A 186 -18.45 10.83 14.25
C ASP A 186 -19.17 10.40 12.96
N LYS A 187 -20.41 9.87 13.08
CA LYS A 187 -21.07 9.29 11.90
C LYS A 187 -21.33 10.36 10.84
N GLU A 188 -21.86 11.50 11.26
CA GLU A 188 -22.06 12.60 10.31
C GLU A 188 -20.75 13.25 9.93
N ASN A 189 -19.80 13.34 10.86
CA ASN A 189 -18.56 14.04 10.51
C ASN A 189 -17.74 13.23 9.52
N TYR A 190 -17.82 11.89 9.58
CA TYR A 190 -17.09 11.06 8.64
C TYR A 190 -17.61 11.32 7.23
N ILE A 191 -18.92 11.44 7.08
CA ILE A 191 -19.49 11.77 5.77
C ILE A 191 -18.95 13.11 5.28
N LEU A 192 -18.85 14.10 6.16
CA LEU A 192 -18.30 15.39 5.77
C LEU A 192 -16.86 15.25 5.33
N LEU A 193 -16.08 14.48 6.09
CA LEU A 193 -14.69 14.26 5.72
C LEU A 193 -14.56 13.61 4.35
N LEU A 194 -15.34 12.56 4.10
CA LEU A 194 -15.28 11.86 2.82
C LEU A 194 -15.72 12.76 1.69
N GLN A 195 -16.77 13.57 1.91
CA GLN A 195 -17.19 14.51 0.89
C GLN A 195 -16.07 15.49 0.58
N ASP A 196 -15.40 16.01 1.61
CA ASP A 196 -14.32 16.97 1.38
C ASP A 196 -13.19 16.32 0.59
N LEU A 197 -12.84 15.08 0.94
CA LEU A 197 -11.77 14.37 0.24
C LEU A 197 -12.11 14.14 -1.21
N LYS A 198 -13.35 13.69 -1.48
CA LYS A 198 -13.72 13.38 -2.86
C LYS A 198 -13.75 14.65 -3.70
N GLU A 199 -14.25 15.74 -3.13
CA GLU A 199 -14.25 16.99 -3.90
C GLU A 199 -12.84 17.46 -4.19
N ALA A 200 -11.93 17.27 -3.23
CA ALA A 200 -10.54 17.70 -3.44
C ALA A 200 -9.86 16.81 -4.47
N LEU A 201 -10.16 15.51 -4.42
CA LEU A 201 -9.62 14.57 -5.38
C LEU A 201 -10.13 14.88 -6.78
N ASN A 202 -11.42 15.18 -6.90
CA ASN A 202 -11.93 15.55 -8.22
C ASN A 202 -11.18 16.77 -8.76
N LYS A 203 -11.00 17.78 -7.92
CA LYS A 203 -10.36 19.01 -8.35
C LYS A 203 -8.92 18.76 -8.77
N GLN A 204 -8.18 18.03 -7.95
CA GLN A 204 -6.78 17.80 -8.25
C GLN A 204 -6.61 16.90 -9.46
N GLY A 205 -7.50 15.90 -9.61
CA GLY A 205 -7.48 15.05 -10.78
C GLY A 205 -7.59 15.86 -12.05
N LYS A 206 -8.51 16.83 -12.06
CA LYS A 206 -8.64 17.70 -13.24
C LYS A 206 -7.38 18.53 -13.44
N GLU A 207 -6.76 19.02 -12.36
CA GLU A 207 -5.56 19.86 -12.50
C GLU A 207 -4.39 19.07 -13.08
N LEU A 208 -4.23 17.82 -12.67
CA LEU A 208 -3.10 17.01 -13.10
C LEU A 208 -3.42 16.08 -14.26
N GLY A 209 -4.66 16.04 -14.71
CA GLY A 209 -5.05 15.17 -15.80
C GLY A 209 -5.00 13.69 -15.45
N LYS A 210 -5.49 13.31 -14.29
CA LYS A 210 -5.53 11.92 -13.90
C LYS A 210 -6.83 11.65 -13.13
N VAL A 211 -7.17 10.37 -13.05
CA VAL A 211 -8.33 9.87 -12.34
C VAL A 211 -7.87 9.42 -10.97
N TYR A 212 -8.47 9.97 -9.93
CA TYR A 212 -8.28 9.54 -8.56
C TYR A 212 -9.48 8.73 -8.07
N GLU A 213 -9.23 7.91 -7.06
CA GLU A 213 -10.25 7.17 -6.35
C GLU A 213 -10.14 7.40 -4.84
N LEU A 214 -11.27 7.18 -4.19
CA LEU A 214 -11.42 7.24 -2.74
C LEU A 214 -12.03 5.93 -2.27
N SER A 215 -11.38 5.29 -1.31
CA SER A 215 -11.91 4.06 -0.71
C SER A 215 -11.87 4.23 0.81
N VAL A 216 -12.55 3.31 1.50
CA VAL A 216 -12.58 3.25 2.94
C VAL A 216 -12.50 1.78 3.34
N ALA A 217 -12.07 1.54 4.57
CA ALA A 217 -12.16 0.23 5.21
C ALA A 217 -13.34 0.25 6.15
N LEU A 218 -14.21 -0.73 6.01
CA LEU A 218 -15.46 -0.74 6.77
C LEU A 218 -15.58 -1.95 7.70
N PRO A 219 -16.28 -1.79 8.84
CA PRO A 219 -16.49 -2.90 9.78
C PRO A 219 -17.44 -3.93 9.24
N ALA A 220 -17.22 -5.19 9.63
CA ALA A 220 -18.12 -6.25 9.18
C ALA A 220 -19.43 -6.28 9.92
N GLY A 221 -19.42 -5.92 11.22
CA GLY A 221 -20.53 -6.20 12.12
C GLY A 221 -21.55 -5.08 12.26
N VAL A 222 -22.79 -5.49 12.53
CA VAL A 222 -23.90 -4.56 12.57
C VAL A 222 -23.70 -3.49 13.64
N SER A 223 -23.25 -3.88 14.86
CA SER A 223 -23.20 -2.85 15.90
C SER A 223 -22.19 -1.75 15.57
N LYS A 224 -21.04 -2.08 14.96
CA LYS A 224 -20.10 -1.03 14.62
C LYS A 224 -20.63 -0.19 13.47
N ILE A 225 -21.37 -0.80 12.55
CA ILE A 225 -21.98 -0.05 11.48
C ILE A 225 -22.97 0.97 12.06
N GLU A 226 -23.81 0.53 13.00
CA GLU A 226 -24.79 1.42 13.60
C GLU A 226 -24.12 2.57 14.37
N LYS A 227 -22.98 2.29 15.01
CA LYS A 227 -22.30 3.33 15.78
C LYS A 227 -21.80 4.46 14.89
N GLY A 228 -21.31 4.14 13.68
CA GLY A 228 -20.54 5.14 12.97
C GLY A 228 -20.58 5.21 11.46
N ILE A 229 -21.29 4.31 10.80
CA ILE A 229 -21.27 4.26 9.33
C ILE A 229 -22.64 4.59 8.79
N ASP A 230 -22.78 5.76 8.17
CA ASP A 230 -24.01 6.06 7.46
C ASP A 230 -23.87 5.43 6.07
N VAL A 231 -24.34 4.17 5.96
CA VAL A 231 -24.06 3.35 4.78
C VAL A 231 -24.46 4.04 3.50
N ASP A 232 -25.73 4.47 3.41
CA ASP A 232 -26.22 4.98 2.13
C ASP A 232 -25.46 6.24 1.71
N LYS A 233 -25.18 7.16 2.64
CA LYS A 233 -24.42 8.35 2.26
C LYS A 233 -22.97 8.03 1.91
N LEU A 234 -22.34 7.15 2.68
CA LEU A 234 -20.95 6.80 2.43
C LEU A 234 -20.77 6.18 1.06
N PHE A 235 -21.65 5.25 0.68
CA PHE A 235 -21.45 4.56 -0.58
C PHE A 235 -21.73 5.48 -1.76
N ASN A 236 -22.43 6.57 -1.55
CA ASN A 236 -22.59 7.50 -2.66
C ASN A 236 -21.40 8.43 -2.84
N ILE A 237 -20.44 8.45 -1.92
CA ILE A 237 -19.26 9.29 -2.03
C ILE A 237 -18.07 8.49 -2.52
N VAL A 238 -17.81 7.33 -1.92
CA VAL A 238 -16.58 6.58 -2.19
C VAL A 238 -16.68 5.90 -3.56
N ASP A 239 -15.52 5.62 -4.14
CA ASP A 239 -15.48 4.80 -5.34
C ASP A 239 -15.64 3.32 -5.03
N PHE A 240 -15.05 2.86 -3.92
CA PHE A 240 -15.30 1.51 -3.44
C PHE A 240 -15.01 1.44 -1.95
N ALA A 241 -15.50 0.38 -1.35
CA ALA A 241 -15.36 0.18 0.08
C ALA A 241 -14.89 -1.23 0.36
N ASN A 242 -13.86 -1.32 1.19
CA ASN A 242 -13.26 -2.59 1.56
C ASN A 242 -13.86 -3.04 2.88
N ILE A 243 -14.65 -4.10 2.85
CA ILE A 243 -15.27 -4.61 4.07
CA ILE A 243 -15.27 -4.61 4.07
C ILE A 243 -14.28 -5.54 4.75
N MET A 244 -13.98 -5.27 6.02
CA MET A 244 -12.98 -6.00 6.80
CA MET A 244 -12.96 -6.03 6.76
C MET A 244 -13.60 -7.30 7.33
N THR A 245 -13.92 -8.20 6.39
CA THR A 245 -14.56 -9.47 6.70
C THR A 245 -13.51 -10.50 7.11
N TYR A 246 -12.82 -10.16 8.19
CA TYR A 246 -11.84 -11.00 8.86
C TYR A 246 -11.78 -10.53 10.31
N ASP A 247 -11.00 -11.23 11.13
CA ASP A 247 -11.03 -11.00 12.56
C ASP A 247 -12.45 -11.12 13.15
N MET A 248 -13.28 -12.01 12.58
CA MET A 248 -14.67 -12.12 13.01
C MET A 248 -14.85 -13.18 14.11
N ALA A 249 -13.77 -13.85 14.47
CA ALA A 249 -13.72 -14.77 15.61
C ALA A 249 -12.27 -14.80 16.03
N GLY A 250 -12.04 -15.04 17.31
CA GLY A 250 -10.69 -15.05 17.83
C GLY A 250 -10.68 -15.14 19.34
N ALA A 251 -9.50 -14.90 19.92
CA ALA A 251 -9.24 -15.25 21.31
C ALA A 251 -9.92 -14.33 22.31
N TRP A 252 -10.54 -13.24 21.86
CA TRP A 252 -11.44 -12.49 22.72
C TRP A 252 -12.71 -13.26 23.08
N SER A 253 -12.95 -14.39 22.43
CA SER A 253 -14.11 -15.25 22.68
C SER A 253 -13.65 -16.59 23.19
N THR A 254 -14.45 -17.19 24.08
CA THR A 254 -14.20 -18.56 24.50
C THR A 254 -14.95 -19.60 23.69
N THR A 255 -15.47 -19.24 22.52
CA THR A 255 -16.08 -20.18 21.59
C THR A 255 -15.31 -20.17 20.27
N SER A 256 -14.85 -21.33 19.82
CA SER A 256 -14.16 -21.37 18.54
C SER A 256 -15.13 -21.01 17.42
N GLY A 257 -14.55 -20.53 16.32
CA GLY A 257 -15.36 -20.11 15.19
C GLY A 257 -14.47 -19.79 14.01
N HIS A 258 -15.10 -19.41 12.92
CA HIS A 258 -14.40 -18.98 11.73
C HIS A 258 -14.16 -17.48 11.77
N GLN A 259 -12.95 -17.05 11.44
CA GLN A 259 -12.67 -15.62 11.51
C GLN A 259 -12.97 -14.91 10.20
N THR A 260 -13.07 -15.63 9.08
CA THR A 260 -13.20 -14.95 7.80
C THR A 260 -14.05 -15.80 6.83
N ALA A 261 -15.14 -16.36 7.34
CA ALA A 261 -15.88 -17.32 6.55
C ALA A 261 -16.77 -16.61 5.52
N LEU A 262 -16.91 -17.27 4.37
CA LEU A 262 -17.80 -16.76 3.34
C LEU A 262 -19.26 -16.81 3.79
N TYR A 263 -19.71 -17.93 4.32
CA TYR A 263 -21.07 -18.16 4.75
C TYR A 263 -21.15 -18.46 6.25
N THR A 264 -22.29 -18.12 6.84
CA THR A 264 -22.57 -18.46 8.22
C THR A 264 -23.05 -19.90 8.30
N ASN A 265 -22.27 -20.73 8.96
CA ASN A 265 -22.73 -22.07 9.30
C ASN A 265 -24.02 -21.99 10.13
N PRO A 266 -25.06 -22.73 9.75
CA PRO A 266 -26.37 -22.60 10.44
C PRO A 266 -26.33 -22.96 11.91
N ASN A 267 -25.27 -23.61 12.39
CA ASN A 267 -25.13 -23.99 13.78
C ASN A 267 -24.39 -22.95 14.60
N ALA A 268 -24.02 -21.83 13.96
CA ALA A 268 -23.28 -20.78 14.64
C ALA A 268 -24.07 -20.29 15.85
N PRO A 269 -23.42 -20.06 16.99
CA PRO A 269 -24.11 -19.44 18.12
C PRO A 269 -24.34 -17.96 17.85
N GLU A 270 -25.21 -17.37 18.69
CA GLU A 270 -25.61 -15.98 18.48
C GLU A 270 -24.42 -15.04 18.30
N GLU A 271 -23.32 -15.26 19.01
CA GLU A 271 -22.24 -14.28 18.94
C GLU A 271 -21.58 -14.25 17.57
N TYR A 272 -21.71 -15.31 16.79
CA TYR A 272 -21.11 -15.35 15.47
C TYR A 272 -22.14 -15.22 14.36
N LYS A 273 -23.44 -15.17 14.69
CA LYS A 273 -24.43 -14.87 13.67
C LYS A 273 -24.15 -13.46 13.18
N GLY A 274 -24.30 -13.27 11.88
CA GLY A 274 -23.99 -12.03 11.24
C GLY A 274 -22.56 -11.89 10.76
N LEU A 275 -21.64 -12.68 11.29
CA LEU A 275 -20.21 -12.44 11.09
C LEU A 275 -19.64 -13.43 10.07
N SER A 276 -20.11 -13.26 8.85
CA SER A 276 -19.59 -13.91 7.66
C SER A 276 -19.58 -12.89 6.54
N VAL A 277 -18.85 -13.20 5.47
CA VAL A 277 -18.89 -12.33 4.30
C VAL A 277 -20.33 -12.13 3.82
N ASP A 278 -21.05 -13.23 3.63
CA ASP A 278 -22.40 -13.19 3.07
C ASP A 278 -23.34 -12.35 3.93
N GLU A 279 -23.37 -12.59 5.22
CA GLU A 279 -24.30 -11.81 6.04
C GLU A 279 -23.89 -10.35 6.12
N SER A 280 -22.60 -10.06 6.16
CA SER A 280 -22.16 -8.67 6.20
C SER A 280 -22.53 -7.94 4.91
N VAL A 281 -22.20 -8.55 3.77
CA VAL A 281 -22.58 -7.96 2.48
C VAL A 281 -24.09 -7.75 2.41
N LYS A 282 -24.88 -8.77 2.77
CA LYS A 282 -26.33 -8.64 2.69
C LYS A 282 -26.83 -7.49 3.57
N TYR A 283 -26.21 -7.31 4.74
CA TYR A 283 -26.63 -6.23 5.61
C TYR A 283 -26.29 -4.88 4.98
N TYR A 284 -25.07 -4.73 4.48
CA TYR A 284 -24.71 -3.47 3.82
C TYR A 284 -25.68 -3.16 2.68
N ILE A 285 -25.97 -4.15 1.84
CA ILE A 285 -26.92 -3.92 0.75
C ILE A 285 -28.29 -3.48 1.30
N SER A 286 -28.73 -4.11 2.38
CA SER A 286 -30.05 -3.77 2.93
C SER A 286 -30.09 -2.32 3.41
N GLN A 287 -28.93 -1.78 3.78
CA GLN A 287 -28.80 -0.43 4.29
C GLN A 287 -28.45 0.56 3.20
N GLY A 288 -28.42 0.13 1.95
CA GLY A 288 -28.27 1.07 0.86
C GLY A 288 -26.96 0.99 0.10
N ALA A 289 -26.05 0.10 0.47
CA ALA A 289 -24.80 0.00 -0.27
C ALA A 289 -25.01 -0.47 -1.70
N GLU A 290 -24.28 0.15 -2.62
CA GLU A 290 -24.32 -0.29 -4.00
C GLU A 290 -23.34 -1.46 -4.20
N ARG A 291 -23.88 -2.60 -4.64
CA ARG A 291 -23.15 -3.86 -4.75
C ARG A 291 -21.78 -3.70 -5.40
N GLU A 292 -21.73 -3.01 -6.53
CA GLU A 292 -20.53 -2.94 -7.34
C GLU A 292 -19.35 -2.26 -6.64
N LYS A 293 -19.62 -1.56 -5.53
CA LYS A 293 -18.60 -0.88 -4.75
C LYS A 293 -18.09 -1.71 -3.58
N ILE A 294 -18.66 -2.89 -3.34
CA ILE A 294 -18.33 -3.71 -2.17
C ILE A 294 -17.18 -4.63 -2.50
N VAL A 295 -16.08 -4.49 -1.76
CA VAL A 295 -14.89 -5.32 -1.87
C VAL A 295 -14.81 -6.14 -0.60
N VAL A 296 -14.69 -7.46 -0.74
CA VAL A 296 -14.74 -8.30 0.45
C VAL A 296 -13.34 -8.72 0.83
N GLY A 297 -13.16 -9.00 2.11
CA GLY A 297 -11.85 -9.25 2.71
C GLY A 297 -11.45 -10.70 2.85
N ALA A 298 -10.16 -10.94 2.63
CA ALA A 298 -9.53 -12.23 2.85
C ALA A 298 -8.35 -12.04 3.80
N ALA A 299 -8.20 -12.95 4.75
CA ALA A 299 -7.13 -12.86 5.74
C ALA A 299 -6.02 -13.84 5.40
N TYR A 300 -4.80 -13.34 5.34
CA TYR A 300 -3.63 -14.16 5.07
C TYR A 300 -2.93 -14.63 6.35
N TYR A 301 -3.71 -14.96 7.37
CA TYR A 301 -3.18 -15.36 8.67
C TYR A 301 -4.26 -16.14 9.40
N THR A 302 -3.82 -16.88 10.41
CA THR A 302 -4.69 -17.62 11.29
C THR A 302 -5.09 -16.77 12.49
N ARG A 303 -6.15 -17.19 13.14
CA ARG A 303 -6.38 -16.92 14.55
C ARG A 303 -6.68 -18.27 15.20
N GLY A 304 -6.50 -18.39 16.52
CA GLY A 304 -6.87 -19.67 17.09
C GLY A 304 -6.80 -19.71 18.59
N TRP A 305 -7.14 -20.89 19.11
CA TRP A 305 -7.41 -21.17 20.51
C TRP A 305 -6.61 -22.40 20.92
N GLU A 306 -6.10 -22.37 22.15
CA GLU A 306 -5.23 -23.43 22.66
C GLU A 306 -5.93 -24.77 22.84
N GLN A 307 -7.16 -24.77 23.37
CA GLN A 307 -7.72 -26.02 23.91
C GLN A 307 -9.25 -25.97 23.83
N VAL A 308 -9.78 -26.35 22.66
CA VAL A 308 -11.21 -26.34 22.39
C VAL A 308 -11.78 -27.73 22.60
N SER A 309 -12.84 -27.79 23.41
CA SER A 309 -13.58 -29.03 23.64
C SER A 309 -14.69 -29.14 22.62
N ASP A 310 -14.79 -30.30 21.97
CA ASP A 310 -15.89 -30.52 21.04
C ASP A 310 -17.20 -30.68 21.81
N LYS A 311 -18.12 -29.75 21.61
CA LYS A 311 -19.43 -29.80 22.24
C LYS A 311 -20.47 -30.48 21.35
N GLY A 312 -20.10 -30.90 20.14
CA GLY A 312 -21.08 -31.47 19.23
C GLY A 312 -22.02 -30.44 18.65
N THR A 313 -21.63 -29.15 18.65
CA THR A 313 -22.50 -28.11 18.12
C THR A 313 -22.81 -28.36 16.66
N ASP A 314 -21.79 -28.71 15.86
CA ASP A 314 -21.98 -29.17 14.49
C ASP A 314 -21.29 -30.53 14.34
N PRO A 315 -22.05 -31.63 14.35
CA PRO A 315 -21.42 -32.96 14.16
C PRO A 315 -20.60 -33.08 12.90
N ASN A 316 -20.87 -32.29 11.87
N ASN A 316 -20.89 -32.27 11.87
CA ASN A 316 -20.09 -32.45 10.65
CA ASN A 316 -20.17 -32.34 10.61
C ASN A 316 -18.83 -31.59 10.64
C ASN A 316 -18.81 -31.64 10.67
N ASN A 317 -18.55 -30.88 11.73
CA ASN A 317 -17.35 -30.03 11.81
C ASN A 317 -16.81 -30.12 13.25
N PRO A 318 -16.08 -31.20 13.55
CA PRO A 318 -15.53 -31.39 14.89
C PRO A 318 -14.75 -30.16 15.34
N GLY A 319 -14.97 -29.76 16.59
CA GLY A 319 -14.24 -28.68 17.21
C GLY A 319 -14.80 -27.30 16.95
N LEU A 320 -15.63 -27.15 15.91
CA LEU A 320 -16.15 -25.84 15.56
C LEU A 320 -17.28 -25.44 16.51
N PHE A 321 -17.22 -24.19 17.02
CA PHE A 321 -18.16 -23.65 17.97
C PHE A 321 -18.11 -24.41 19.30
N GLY A 322 -16.94 -24.94 19.62
CA GLY A 322 -16.72 -25.61 20.88
C GLY A 322 -16.21 -24.64 21.92
N GLU A 323 -16.13 -25.11 23.16
CA GLU A 323 -15.75 -24.26 24.28
C GLU A 323 -14.22 -24.24 24.41
N ALA A 324 -13.63 -23.05 24.35
CA ALA A 324 -12.17 -22.90 24.42
C ALA A 324 -11.77 -22.63 25.87
N ALA A 325 -11.02 -23.55 26.45
CA ALA A 325 -10.62 -23.41 27.84
C ALA A 325 -9.62 -22.27 28.01
N VAL A 326 -9.74 -21.57 29.13
CA VAL A 326 -8.93 -20.36 29.38
C VAL A 326 -7.67 -20.83 30.10
N VAL A 327 -6.71 -21.30 29.30
CA VAL A 327 -5.56 -22.01 29.83
C VAL A 327 -4.22 -21.31 29.56
N ASN A 328 -4.18 -20.29 28.72
CA ASN A 328 -2.97 -19.53 28.45
C ASN A 328 -3.04 -18.16 29.15
N LYS A 329 -1.94 -17.41 29.04
CA LYS A 329 -1.86 -16.05 29.54
C LYS A 329 -1.22 -15.16 28.49
N ASP A 330 -1.74 -13.93 28.38
CA ASP A 330 -1.11 -12.91 27.56
C ASP A 330 0.20 -12.48 28.20
N ALA A 331 0.94 -11.62 27.50
CA ALA A 331 2.20 -11.13 28.06
C ALA A 331 1.99 -10.31 29.34
N ASP A 332 0.82 -9.72 29.56
CA ASP A 332 0.55 -8.98 30.79
C ASP A 332 -0.11 -9.89 31.86
N LEU A 333 -0.05 -11.21 31.67
CA LEU A 333 -0.56 -12.27 32.56
C LEU A 333 -2.08 -12.37 32.59
N SER A 334 -2.79 -11.69 31.69
CA SER A 334 -4.23 -11.88 31.61
C SER A 334 -4.56 -13.29 31.10
N PRO A 335 -5.46 -14.01 31.75
CA PRO A 335 -5.84 -15.34 31.23
C PRO A 335 -6.51 -15.22 29.88
N THR A 336 -6.25 -16.20 29.03
CA THR A 336 -6.79 -16.16 27.70
C THR A 336 -6.98 -17.56 27.15
N PRO A 337 -7.99 -17.78 26.30
CA PRO A 337 -8.10 -19.04 25.58
C PRO A 337 -7.27 -19.04 24.30
N GLY A 338 -6.64 -17.94 23.93
CA GLY A 338 -5.90 -17.89 22.68
C GLY A 338 -4.69 -18.81 22.68
N ALA A 339 -4.40 -19.36 21.50
CA ALA A 339 -3.16 -20.10 21.26
C ALA A 339 -1.98 -19.14 21.12
N LEU A 340 -0.77 -19.69 21.22
CA LEU A 340 0.41 -18.87 20.98
C LEU A 340 0.44 -18.41 19.51
N ASN A 341 1.17 -17.32 19.29
CA ASN A 341 1.36 -16.73 17.97
C ASN A 341 2.67 -17.19 17.33
N GLU A 342 2.80 -16.89 16.04
CA GLU A 342 4.06 -17.12 15.35
C GLU A 342 5.19 -16.31 16.00
N ALA A 343 4.93 -15.03 16.28
CA ALA A 343 5.90 -14.15 16.90
C ALA A 343 5.86 -14.31 18.41
N PRO A 344 7.00 -14.15 19.08
CA PRO A 344 7.01 -14.18 20.55
C PRO A 344 6.07 -13.16 21.13
N MET A 345 5.45 -13.51 22.25
CA MET A 345 4.55 -12.58 22.91
CA MET A 345 4.54 -12.60 22.93
C MET A 345 5.35 -11.67 23.82
N LYS A 346 5.34 -10.38 23.54
CA LYS A 346 6.04 -9.39 24.35
C LYS A 346 5.07 -8.26 24.67
N ASN A 347 5.09 -7.78 25.91
CA ASN A 347 4.27 -6.63 26.28
C ASN A 347 4.55 -5.49 25.31
N GLY A 348 3.52 -5.03 24.62
CA GLY A 348 3.65 -3.88 23.78
C GLY A 348 4.04 -4.19 22.37
N GLU A 349 4.36 -5.45 22.08
CA GLU A 349 4.73 -5.89 20.71
C GLU A 349 4.16 -7.28 20.53
N GLY A 350 2.87 -7.34 20.24
CA GLY A 350 2.21 -8.63 20.02
C GLY A 350 1.99 -9.35 21.33
N GLY A 351 1.57 -8.64 22.35
CA GLY A 351 1.45 -9.21 23.67
C GLY A 351 0.23 -10.09 23.91
N ARG A 352 -0.75 -10.12 23.03
CA ARG A 352 -1.96 -10.90 23.23
C ARG A 352 -1.85 -12.22 22.49
N ALA A 353 -2.14 -13.32 23.19
CA ALA A 353 -2.13 -14.64 22.56
C ALA A 353 -3.37 -14.76 21.69
N GLY A 354 -3.20 -14.87 20.36
CA GLY A 354 -4.35 -14.85 19.47
C GLY A 354 -4.38 -15.98 18.49
N GLY A 355 -3.43 -16.90 18.62
CA GLY A 355 -3.20 -17.92 17.62
C GLY A 355 -2.88 -17.39 16.23
N VAL A 356 -2.14 -16.29 16.15
CA VAL A 356 -1.90 -15.56 14.89
C VAL A 356 -0.57 -15.99 14.26
N TRP A 357 -0.70 -16.65 13.11
CA TRP A 357 0.42 -17.16 12.30
C TRP A 357 0.14 -16.72 10.87
N GLY A 358 1.14 -16.19 10.16
CA GLY A 358 0.95 -15.92 8.74
C GLY A 358 0.63 -17.17 7.95
N TYR A 359 -0.11 -16.98 6.84
CA TYR A 359 -0.37 -18.07 5.92
C TYR A 359 0.93 -18.70 5.46
N ASN A 360 1.95 -17.89 5.25
CA ASN A 360 3.23 -18.44 4.82
C ASN A 360 3.96 -19.20 5.91
N ALA A 361 3.44 -19.17 7.13
CA ALA A 361 4.03 -19.87 8.26
C ALA A 361 3.19 -21.05 8.73
N LEU A 362 2.28 -21.55 7.90
CA LEU A 362 1.47 -22.68 8.32
C LEU A 362 2.33 -23.90 8.63
N ASP A 363 3.45 -24.06 7.93
CA ASP A 363 4.33 -25.19 8.24
C ASP A 363 4.98 -25.01 9.59
N LYS A 364 5.36 -23.77 9.94
CA LYS A 364 5.88 -23.52 11.28
C LYS A 364 4.81 -23.77 12.34
N LEU A 365 3.59 -23.33 12.06
CA LEU A 365 2.47 -23.57 12.97
C LEU A 365 2.34 -25.06 13.26
N LYS A 366 2.38 -25.89 12.21
CA LYS A 366 2.17 -27.32 12.37
C LYS A 366 3.32 -27.99 13.08
N SER A 367 4.51 -27.39 13.05
CA SER A 367 5.61 -27.93 13.84
C SER A 367 5.51 -27.58 15.31
N LYS A 368 4.95 -26.41 15.64
CA LYS A 368 4.77 -25.98 17.02
C LYS A 368 3.56 -26.65 17.66
N TYR A 369 2.45 -26.73 16.92
CA TYR A 369 1.20 -27.37 17.31
C TYR A 369 1.09 -28.66 16.49
N THR A 370 1.67 -29.73 16.99
CA THR A 370 1.65 -30.96 16.23
C THR A 370 0.26 -31.59 16.30
N GLY A 371 -0.01 -32.47 15.33
CA GLY A 371 -1.23 -33.22 15.34
C GLY A 371 -2.44 -32.48 14.81
N LEU A 372 -2.25 -31.33 14.18
CA LEU A 372 -3.37 -30.64 13.55
C LEU A 372 -3.81 -31.39 12.30
N LYS A 373 -5.11 -31.56 12.16
CA LYS A 373 -5.73 -32.11 10.96
C LYS A 373 -6.46 -30.98 10.26
N GLU A 374 -6.47 -31.04 8.93
CA GLU A 374 -7.16 -30.04 8.14
C GLU A 374 -8.61 -30.46 7.90
N TYR A 375 -9.52 -29.51 8.09
CA TYR A 375 -10.93 -29.69 7.91
C TYR A 375 -11.42 -28.65 6.93
N TRP A 376 -12.56 -28.94 6.30
CA TRP A 376 -13.28 -27.98 5.47
C TRP A 376 -14.73 -27.97 5.93
N ASP A 377 -15.22 -26.79 6.30
CA ASP A 377 -16.63 -26.61 6.65
C ASP A 377 -17.40 -26.32 5.38
N ASP A 378 -18.13 -27.35 4.89
CA ASP A 378 -18.83 -27.23 3.62
C ASP A 378 -19.96 -26.21 3.70
N SER A 379 -20.49 -25.96 4.90
CA SER A 379 -21.59 -24.99 5.02
C SER A 379 -21.08 -23.55 5.05
N ALA A 380 -19.87 -23.31 5.58
CA ALA A 380 -19.28 -21.98 5.63
C ALA A 380 -18.35 -21.69 4.46
N LYS A 381 -17.93 -22.75 3.78
CA LYS A 381 -16.88 -22.70 2.76
C LYS A 381 -15.61 -22.08 3.33
N ALA A 382 -15.16 -22.69 4.43
CA ALA A 382 -14.00 -22.21 5.16
C ALA A 382 -13.19 -23.37 5.72
N PRO A 383 -11.87 -23.28 5.65
CA PRO A 383 -11.01 -24.29 6.25
C PRO A 383 -10.71 -24.03 7.70
N TYR A 384 -10.32 -25.09 8.40
CA TYR A 384 -9.75 -24.89 9.72
C TYR A 384 -8.85 -26.05 10.05
N LEU A 385 -8.02 -25.84 11.06
CA LEU A 385 -7.10 -26.84 11.57
C LEU A 385 -7.48 -27.16 13.00
N TYR A 386 -7.50 -28.45 13.34
CA TYR A 386 -7.96 -28.85 14.64
C TYR A 386 -7.26 -30.14 15.04
N ASN A 387 -6.82 -30.19 16.30
CA ASN A 387 -6.29 -31.40 16.92
C ASN A 387 -7.33 -31.88 17.93
N SER A 388 -7.98 -33.00 17.64
CA SER A 388 -9.10 -33.44 18.48
C SER A 388 -8.62 -33.99 19.82
N GLU A 389 -7.33 -34.28 19.96
CA GLU A 389 -6.80 -34.75 21.23
C GLU A 389 -6.36 -33.62 22.15
N THR A 390 -5.65 -32.62 21.63
CA THR A 390 -5.21 -31.48 22.44
C THR A 390 -6.22 -30.34 22.46
N GLY A 391 -7.06 -30.26 21.44
CA GLY A 391 -8.02 -29.18 21.32
C GLY A 391 -7.55 -27.95 20.55
N ALA A 392 -6.30 -27.90 20.09
CA ALA A 392 -5.85 -26.71 19.39
C ALA A 392 -6.64 -26.50 18.09
N PHE A 393 -7.03 -25.24 17.84
CA PHE A 393 -7.94 -24.91 16.75
C PHE A 393 -7.53 -23.60 16.10
N PHE A 394 -7.41 -23.59 14.78
CA PHE A 394 -7.00 -22.41 14.01
C PHE A 394 -7.91 -22.20 12.81
N THR A 395 -8.22 -20.93 12.54
CA THR A 395 -9.15 -20.52 11.50
C THR A 395 -8.44 -19.55 10.57
N TYR A 396 -8.62 -19.74 9.25
CA TYR A 396 -7.85 -18.98 8.26
C TYR A 396 -8.53 -19.08 6.89
N ASP A 397 -7.91 -18.44 5.88
CA ASP A 397 -8.25 -18.56 4.46
C ASP A 397 -7.21 -19.39 3.71
N ASN A 398 -7.68 -20.16 2.73
CA ASN A 398 -6.74 -20.86 1.86
C ASN A 398 -7.12 -20.62 0.41
N ILE A 399 -6.43 -21.30 -0.50
CA ILE A 399 -6.75 -21.10 -1.92
C ILE A 399 -8.22 -21.37 -2.17
N ARG A 400 -8.74 -22.45 -1.60
CA ARG A 400 -10.11 -22.84 -1.91
C ARG A 400 -11.13 -21.81 -1.42
N SER A 401 -10.97 -21.33 -0.20
CA SER A 401 -11.93 -20.34 0.31
C SER A 401 -11.83 -19.01 -0.43
N ILE A 402 -10.62 -18.63 -0.85
CA ILE A 402 -10.49 -17.43 -1.65
C ILE A 402 -11.20 -17.61 -2.98
N GLN A 403 -11.04 -18.79 -3.61
CA GLN A 403 -11.77 -19.06 -4.86
C GLN A 403 -13.27 -19.01 -4.63
N GLU A 404 -13.75 -19.50 -3.49
CA GLU A 404 -15.17 -19.40 -3.17
C GLU A 404 -15.61 -17.95 -3.00
N LYS A 405 -14.81 -17.15 -2.29
CA LYS A 405 -15.11 -15.73 -2.14
C LYS A 405 -15.17 -15.06 -3.49
N ALA A 406 -14.23 -15.38 -4.39
CA ALA A 406 -14.25 -14.81 -5.74
C ALA A 406 -15.50 -15.22 -6.52
N LYS A 407 -15.90 -16.47 -6.43
CA LYS A 407 -17.14 -16.89 -7.08
C LYS A 407 -18.33 -16.10 -6.56
N TYR A 408 -18.36 -15.88 -5.25
CA TYR A 408 -19.43 -15.11 -4.63
C TYR A 408 -19.45 -13.69 -5.14
N VAL A 409 -18.27 -13.07 -5.22
CA VAL A 409 -18.16 -11.72 -5.76
C VAL A 409 -18.73 -11.65 -7.18
N LYS A 410 -18.31 -12.59 -8.04
CA LYS A 410 -18.76 -12.57 -9.42
C LYS A 410 -20.26 -12.77 -9.51
N GLU A 411 -20.80 -13.75 -8.76
CA GLU A 411 -22.21 -14.09 -8.91
C GLU A 411 -23.12 -13.03 -8.32
N ASN A 412 -22.63 -12.28 -7.35
CA ASN A 412 -23.41 -11.23 -6.72
C ASN A 412 -23.09 -9.84 -7.24
N ASN A 413 -22.29 -9.73 -8.29
CA ASN A 413 -21.93 -8.47 -8.91
C ASN A 413 -21.31 -7.48 -7.93
N LEU A 414 -20.41 -7.98 -7.07
CA LEU A 414 -19.69 -7.14 -6.14
C LEU A 414 -18.43 -6.59 -6.79
N GLY A 415 -17.61 -5.90 -6.00
CA GLY A 415 -16.53 -5.09 -6.52
C GLY A 415 -15.13 -5.69 -6.53
N GLY A 416 -14.90 -6.78 -5.80
CA GLY A 416 -13.59 -7.39 -5.77
C GLY A 416 -13.26 -7.98 -4.41
N ILE A 417 -11.95 -8.17 -4.21
CA ILE A 417 -11.40 -8.78 -3.00
C ILE A 417 -10.22 -7.93 -2.54
N ILE A 418 -10.07 -7.81 -1.22
CA ILE A 418 -8.90 -7.18 -0.61
C ILE A 418 -8.23 -8.19 0.30
N GLY A 419 -6.90 -8.24 0.25
CA GLY A 419 -6.12 -9.13 1.11
C GLY A 419 -5.33 -8.39 2.18
N TRP A 420 -5.25 -9.02 3.35
CA TRP A 420 -4.58 -8.49 4.53
C TRP A 420 -3.68 -9.59 5.06
N MET A 421 -2.35 -9.54 4.81
CA MET A 421 -1.62 -8.54 4.04
C MET A 421 -0.53 -9.20 3.22
N ALA A 422 0.09 -8.42 2.33
CA ALA A 422 0.96 -8.94 1.29
C ALA A 422 2.09 -9.80 1.82
N SER A 423 2.74 -9.36 2.90
CA SER A 423 3.95 -10.05 3.34
C SER A 423 3.66 -11.44 3.88
N GLN A 424 2.40 -11.73 4.19
CA GLN A 424 2.00 -13.01 4.74
C GLN A 424 1.70 -14.04 3.66
N ASP A 425 1.62 -13.63 2.39
CA ASP A 425 1.40 -14.59 1.33
C ASP A 425 2.66 -15.47 1.21
N ALA A 426 2.49 -16.64 0.61
CA ALA A 426 3.57 -17.60 0.44
C ALA A 426 4.20 -17.51 -0.95
N THR A 427 5.49 -17.83 -1.03
CA THR A 427 6.13 -17.98 -2.33
C THR A 427 5.62 -19.24 -3.02
N THR A 428 5.73 -19.23 -4.36
CA THR A 428 5.44 -20.40 -5.17
C THR A 428 6.71 -20.79 -5.93
N ASN A 429 6.97 -20.15 -7.06
CA ASN A 429 8.08 -20.54 -7.91
C ASN A 429 9.22 -19.54 -7.91
N SER A 430 9.10 -18.44 -7.17
CA SER A 430 10.11 -17.39 -7.19
C SER A 430 10.19 -16.76 -5.79
N THR A 431 10.81 -15.58 -5.72
CA THR A 431 10.82 -14.84 -4.47
C THR A 431 9.56 -14.03 -4.26
N LYS A 432 8.69 -13.92 -5.26
CA LYS A 432 7.43 -13.22 -5.02
C LYS A 432 6.57 -13.98 -4.03
N ARG A 433 5.91 -13.25 -3.15
CA ARG A 433 4.94 -13.83 -2.23
C ARG A 433 3.59 -13.72 -2.94
N ASP A 434 3.16 -14.82 -3.57
CA ASP A 434 2.10 -14.70 -4.56
C ASP A 434 1.13 -15.89 -4.62
N GLU A 435 1.15 -16.81 -3.66
CA GLU A 435 0.28 -17.98 -3.77
C GLU A 435 -1.19 -17.57 -3.71
N LEU A 436 -1.58 -16.89 -2.62
CA LEU A 436 -2.98 -16.48 -2.47
C LEU A 436 -3.32 -15.35 -3.42
N THR A 437 -2.36 -14.45 -3.67
CA THR A 437 -2.62 -13.32 -4.56
C THR A 437 -2.93 -13.83 -5.96
N THR A 438 -2.16 -14.82 -6.43
CA THR A 438 -2.41 -15.39 -7.75
C THR A 438 -3.74 -16.11 -7.78
N ALA A 439 -4.06 -16.85 -6.72
CA ALA A 439 -5.34 -17.55 -6.70
C ALA A 439 -6.50 -16.57 -6.75
N THR A 440 -6.35 -15.44 -6.06
CA THR A 440 -7.39 -14.40 -6.07
C THR A 440 -7.53 -13.81 -7.46
N LYS A 441 -6.40 -13.39 -8.05
CA LYS A 441 -6.45 -12.76 -9.36
C LYS A 441 -7.06 -13.70 -10.39
N GLU A 442 -6.63 -14.96 -10.39
CA GLU A 442 -7.12 -15.84 -11.44
C GLU A 442 -8.58 -16.19 -11.24
N SER A 443 -9.06 -16.24 -10.01
CA SER A 443 -10.48 -16.54 -9.82
CA SER A 443 -10.48 -16.54 -9.82
C SER A 443 -11.35 -15.36 -10.18
N LEU A 444 -10.85 -14.14 -10.01
CA LEU A 444 -11.62 -12.95 -10.37
C LEU A 444 -11.57 -12.64 -11.84
N PHE A 445 -10.41 -12.81 -12.47
CA PHE A 445 -10.09 -12.30 -13.80
C PHE A 445 -9.72 -13.33 -14.82
N GLY A 446 -9.44 -14.56 -14.41
CA GLY A 446 -8.86 -15.57 -15.28
C GLY A 446 -7.38 -15.33 -15.53
N LYS A 447 -6.87 -16.00 -16.60
CA LYS A 447 -5.43 -16.02 -16.82
C LYS A 447 -4.92 -14.84 -17.65
N GLU A 448 -5.78 -14.06 -18.27
CA GLU A 448 -5.31 -12.97 -19.12
C GLU A 448 -4.74 -11.80 -18.31
N ASP A 449 -3.94 -11.00 -19.00
CA ASP A 449 -3.34 -9.84 -18.36
C ASP A 449 -4.40 -8.86 -17.85
N LEU A 450 -4.11 -8.21 -16.74
CA LEU A 450 -4.98 -7.15 -16.24
C LEU A 450 -4.92 -5.94 -17.16
N PRO A 451 -5.99 -5.16 -17.23
CA PRO A 451 -5.97 -3.90 -18.00
C PRO A 451 -4.80 -3.02 -17.57
N LYS A 452 -4.20 -2.35 -18.53
CA LYS A 452 -3.14 -1.38 -18.27
C LYS A 452 -3.67 0.06 -18.41
N TYR A 453 -3.06 0.97 -17.67
CA TYR A 453 -3.45 2.36 -17.63
C TYR A 453 -2.25 3.24 -17.98
N GLU A 454 -2.56 4.38 -18.59
CA GLU A 454 -1.53 5.40 -18.79
C GLU A 454 -1.08 5.93 -17.43
N ILE A 455 0.21 6.23 -17.33
CA ILE A 455 0.79 6.81 -16.14
C ILE A 455 1.30 8.18 -16.50
N LYS A 456 0.76 9.20 -15.83
CA LYS A 456 1.19 10.57 -16.03
C LYS A 456 2.11 10.98 -14.89
N TYR A 457 3.04 11.85 -15.23
CA TYR A 457 3.96 12.49 -14.32
C TYR A 457 3.94 13.98 -14.62
N THR A 458 4.18 14.78 -13.60
N THR A 458 4.18 14.78 -13.60
CA THR A 458 4.32 16.21 -13.80
CA THR A 458 4.34 16.21 -13.78
C THR A 458 5.78 16.51 -14.11
C THR A 458 5.79 16.50 -14.12
N GLU A 459 6.01 17.28 -15.17
CA GLU A 459 7.36 17.66 -15.54
C GLU A 459 8.01 18.45 -14.41
N ASN A 460 9.28 18.21 -14.18
CA ASN A 460 10.07 19.05 -13.30
C ASN A 460 10.48 20.33 -14.00
N ASP A 461 10.76 21.36 -13.20
CA ASP A 461 11.18 22.66 -13.70
C ASP A 461 12.68 22.57 -13.94
N ILE A 462 13.05 22.05 -15.11
CA ILE A 462 14.44 21.86 -15.52
C ILE A 462 14.71 22.73 -16.73
N THR A 463 15.77 23.53 -16.67
CA THR A 463 16.11 24.42 -17.77
C THR A 463 17.56 24.18 -18.17
N CYS A 464 17.95 24.72 -19.33
CA CYS A 464 19.34 24.53 -19.71
C CYS A 464 19.77 25.59 -20.71
N THR A 465 21.07 25.86 -20.68
CA THR A 465 21.72 26.74 -21.65
C THR A 465 22.85 25.98 -22.32
N VAL A 466 23.13 26.37 -23.56
CA VAL A 466 24.18 25.78 -24.36
C VAL A 466 24.97 26.92 -24.97
N THR A 467 26.28 26.86 -24.85
CA THR A 467 27.14 27.97 -25.25
C THR A 467 28.34 27.41 -25.99
N PRO A 468 28.52 27.72 -27.28
CA PRO A 468 29.75 27.31 -27.95
C PRO A 468 30.96 27.94 -27.30
N VAL A 469 32.01 27.15 -27.14
CA VAL A 469 33.23 27.61 -26.49
C VAL A 469 34.28 27.80 -27.58
N LYS A 470 34.85 29.00 -27.64
CA LYS A 470 35.92 29.32 -28.59
C LYS A 470 37.21 28.73 -28.06
N GLN A 471 37.83 27.86 -28.85
CA GLN A 471 39.05 27.20 -28.43
C GLN A 471 40.07 27.31 -29.57
N SER A 472 41.02 28.24 -29.42
CA SER A 472 41.96 28.56 -30.47
C SER A 472 43.12 27.57 -30.54
N TRP A 473 43.05 26.47 -29.81
CA TRP A 473 44.13 25.51 -29.72
C TRP A 473 43.53 24.12 -29.75
N GLY A 474 44.34 23.15 -30.15
CA GLY A 474 43.87 21.79 -30.18
C GLY A 474 42.96 21.52 -31.37
N SER A 475 42.36 20.35 -31.33
CA SER A 475 41.44 19.90 -32.36
C SER A 475 40.04 19.79 -31.78
N GLY A 476 39.06 19.77 -32.66
CA GLY A 476 37.69 19.62 -32.26
C GLY A 476 37.12 20.92 -31.73
N GLY A 477 35.98 20.77 -31.08
CA GLY A 477 35.28 21.91 -30.51
C GLY A 477 34.72 21.54 -29.15
N VAL A 478 34.09 22.54 -28.52
CA VAL A 478 33.49 22.38 -27.20
C VAL A 478 32.17 23.12 -27.16
N LEU A 479 31.19 22.49 -26.50
CA LEU A 479 29.89 23.08 -26.19
C LEU A 479 29.80 23.07 -24.68
N LYS A 480 29.62 24.23 -24.08
CA LYS A 480 29.41 24.31 -22.63
C LYS A 480 27.90 24.26 -22.38
N MET A 481 27.47 23.32 -21.56
CA MET A 481 26.07 23.09 -21.28
C MET A 481 25.85 23.24 -19.78
N SER A 482 24.77 23.89 -19.42
CA SER A 482 24.36 23.98 -18.03
CA SER A 482 24.36 23.98 -18.02
C SER A 482 22.92 23.47 -17.92
N ILE A 483 22.67 22.63 -16.94
CA ILE A 483 21.33 22.14 -16.67
C ILE A 483 21.00 22.49 -15.22
N THR A 484 19.84 23.10 -15.00
CA THR A 484 19.47 23.57 -13.67
C THR A 484 18.16 22.95 -13.22
N ASN A 485 18.14 22.45 -12.00
CA ASN A 485 16.91 21.98 -11.38
C ASN A 485 16.36 23.19 -10.65
N ASN A 486 15.35 23.83 -11.24
CA ASN A 486 14.76 25.06 -10.72
C ASN A 486 13.72 24.84 -9.64
N GLU A 487 13.55 23.61 -9.18
CA GLU A 487 12.55 23.37 -8.14
C GLU A 487 12.99 24.00 -6.83
N LYS A 488 12.02 24.36 -5.97
CA LYS A 488 12.35 24.86 -4.64
C LYS A 488 11.45 24.18 -3.61
N LEU A 489 12.03 23.84 -2.46
CA LEU A 489 11.32 23.09 -1.43
C LEU A 489 10.53 24.04 -0.54
N ASP A 490 9.22 23.81 -0.41
CA ASP A 490 8.36 24.71 0.36
C ASP A 490 7.59 24.05 1.48
N GLU A 491 7.46 22.74 1.47
CA GLU A 491 6.55 22.10 2.39
C GLU A 491 7.19 22.01 3.75
N SER A 492 6.37 21.98 4.79
CA SER A 492 6.84 21.85 6.15
C SER A 492 6.33 20.57 6.78
N GLY A 493 7.03 20.16 7.81
CA GLY A 493 6.73 18.93 8.49
C GLY A 493 7.44 17.76 7.86
N GLU A 494 7.64 16.72 8.65
CA GLU A 494 8.51 15.65 8.19
C GLU A 494 7.93 14.94 6.97
N VAL A 495 6.61 14.65 6.99
CA VAL A 495 6.06 13.84 5.90
C VAL A 495 6.11 14.61 4.58
N LEU A 496 5.50 15.80 4.53
CA LEU A 496 5.43 16.52 3.26
C LEU A 496 6.80 17.02 2.80
N SER A 497 7.67 17.42 3.72
CA SER A 497 8.98 17.87 3.27
C SER A 497 9.76 16.71 2.65
N THR A 498 9.68 15.51 3.21
CA THR A 498 10.46 14.41 2.65
C THR A 498 9.91 13.94 1.30
N VAL A 499 8.58 13.83 1.15
CA VAL A 499 8.07 13.37 -0.14
C VAL A 499 8.27 14.45 -1.18
N GLU A 500 8.16 15.73 -0.79
CA GLU A 500 8.43 16.84 -1.69
C GLU A 500 9.89 16.82 -2.16
N THR A 501 10.83 16.63 -1.21
CA THR A 501 12.25 16.60 -1.56
C THR A 501 12.53 15.50 -2.58
N SER A 502 11.90 14.34 -2.41
CA SER A 502 12.11 13.26 -3.35
C SER A 502 11.56 13.62 -4.73
N ALA A 503 10.35 14.17 -4.76
CA ALA A 503 9.65 14.46 -6.02
C ALA A 503 10.39 15.52 -6.83
N LYS A 504 11.05 16.45 -6.16
CA LYS A 504 11.74 17.55 -6.82
C LYS A 504 13.22 17.30 -6.98
N THR A 505 13.66 16.07 -6.75
CA THR A 505 15.01 15.64 -7.08
C THR A 505 14.96 14.99 -8.46
N VAL A 506 15.88 15.35 -9.34
CA VAL A 506 15.96 14.76 -10.67
C VAL A 506 16.85 13.54 -10.56
N LYS A 507 16.28 12.37 -10.87
CA LYS A 507 16.85 11.09 -10.49
C LYS A 507 17.42 10.37 -11.70
N ASN A 508 18.71 10.00 -11.61
CA ASN A 508 19.35 9.21 -12.66
C ASN A 508 19.08 9.79 -14.04
N MET A 509 19.32 11.09 -14.17
CA MET A 509 19.02 11.82 -15.38
C MET A 509 19.76 11.28 -16.58
N LYS A 510 19.04 11.09 -17.68
CA LYS A 510 19.63 10.90 -19.00
C LYS A 510 19.29 12.12 -19.83
N VAL A 511 20.27 12.64 -20.53
CA VAL A 511 20.14 13.80 -21.41
C VAL A 511 20.27 13.30 -22.83
N TYR A 512 19.25 13.55 -23.64
CA TYR A 512 19.20 13.13 -25.05
C TYR A 512 19.36 14.35 -25.93
N ILE A 513 20.44 14.39 -26.70
CA ILE A 513 20.78 15.52 -27.54
C ILE A 513 20.72 15.07 -28.98
N LYS A 514 19.93 15.76 -29.78
CA LYS A 514 19.82 15.50 -31.20
C LYS A 514 20.48 16.65 -31.94
N THR A 515 21.44 16.32 -32.81
CA THR A 515 22.14 17.31 -33.59
C THR A 515 21.97 17.04 -35.08
N ASP A 516 22.28 18.06 -35.88
CA ASP A 516 22.34 17.95 -37.33
C ASP A 516 23.78 18.28 -37.73
N GLY A 517 24.57 17.25 -38.01
CA GLY A 517 25.92 17.43 -38.50
C GLY A 517 26.97 17.69 -37.44
N ILE A 518 26.61 17.59 -36.17
CA ILE A 518 27.52 17.82 -35.04
C ILE A 518 27.68 16.49 -34.32
N ALA A 519 28.91 16.03 -34.16
CA ALA A 519 29.18 14.81 -33.41
C ALA A 519 29.74 15.15 -32.04
N ILE A 520 29.12 14.60 -30.99
CA ILE A 520 29.61 14.76 -29.63
C ILE A 520 30.53 13.58 -29.36
N THR A 521 31.85 13.85 -29.27
CA THR A 521 32.85 12.79 -29.10
C THR A 521 33.08 12.42 -27.64
N GLY A 522 32.75 13.30 -26.70
CA GLY A 522 33.04 13.02 -25.31
C GLY A 522 32.33 14.00 -24.41
N SER A 523 32.40 13.73 -23.11
CA SER A 523 31.80 14.56 -22.09
C SER A 523 32.74 14.58 -20.90
N GLN A 524 32.63 15.61 -20.08
CA GLN A 524 33.53 15.80 -18.96
C GLN A 524 32.76 16.08 -17.68
N TYR A 525 33.34 15.62 -16.57
CA TYR A 525 32.74 15.86 -15.26
C TYR A 525 32.39 17.34 -15.11
N PRO A 526 31.24 17.68 -14.52
CA PRO A 526 30.23 16.84 -13.85
C PRO A 526 29.26 16.05 -14.74
N ALA A 527 29.44 16.05 -16.05
CA ALA A 527 28.61 15.20 -16.88
C ALA A 527 28.95 13.72 -16.73
N GLY A 528 27.92 12.88 -16.87
CA GLY A 528 28.12 11.48 -17.05
C GLY A 528 28.68 11.13 -18.42
N PRO A 529 28.95 9.85 -18.63
CA PRO A 529 29.48 9.41 -19.92
C PRO A 529 28.43 9.56 -21.01
N VAL A 530 28.93 9.78 -22.23
CA VAL A 530 28.08 9.98 -23.41
C VAL A 530 28.27 8.83 -24.38
N THR A 531 27.15 8.38 -24.97
CA THR A 531 27.13 7.35 -25.99
C THR A 531 26.20 7.83 -27.09
N LYS A 532 26.30 7.21 -28.26
CA LYS A 532 25.35 7.45 -29.33
C LYS A 532 24.35 6.30 -29.32
N GLU A 533 23.07 6.63 -29.26
CA GLU A 533 21.98 5.66 -29.21
C GLU A 533 20.98 6.12 -30.28
N GLY A 534 20.97 5.43 -31.41
CA GLY A 534 20.10 5.86 -32.49
C GLY A 534 20.50 7.25 -32.95
N ASP A 535 19.51 8.14 -33.08
CA ASP A 535 19.76 9.50 -33.56
C ASP A 535 20.13 10.47 -32.45
N TYR A 536 20.38 10.00 -31.22
CA TYR A 536 20.66 10.86 -30.10
C TYR A 536 22.01 10.54 -29.49
N TYR A 537 22.67 11.59 -28.99
CA TYR A 537 23.77 11.46 -28.04
C TYR A 537 23.16 11.47 -26.64
N VAL A 538 23.57 10.53 -25.80
CA VAL A 538 22.93 10.29 -24.51
C VAL A 538 23.97 10.41 -23.42
N ILE A 539 23.75 11.33 -22.49
CA ILE A 539 24.61 11.52 -21.33
C ILE A 539 23.94 10.86 -20.14
N ASP A 540 24.64 9.95 -19.46
CA ASP A 540 24.02 9.16 -18.38
C ASP A 540 24.54 9.61 -17.00
N PHE A 541 23.75 10.48 -16.33
CA PHE A 541 24.12 10.94 -15.00
C PHE A 541 23.93 9.88 -13.92
N GLY A 542 23.28 8.76 -14.24
CA GLY A 542 23.28 7.63 -13.32
C GLY A 542 24.67 7.13 -12.97
N LYS A 543 25.66 7.40 -13.84
CA LYS A 543 27.02 6.94 -13.63
C LYS A 543 27.94 7.96 -12.96
N ILE A 544 27.39 9.07 -12.48
CA ILE A 544 28.12 10.07 -11.69
C ILE A 544 27.55 10.03 -10.27
N SER A 545 28.36 9.65 -9.29
CA SER A 545 27.80 9.50 -7.95
C SER A 545 27.24 10.82 -7.43
N ASP A 546 27.86 11.94 -7.78
CA ASP A 546 27.46 13.29 -7.41
C ASP A 546 26.35 13.82 -8.30
N GLY A 547 26.03 13.14 -9.37
CA GLY A 547 25.06 13.65 -10.31
C GLY A 547 23.76 12.85 -10.40
N LYS A 548 23.72 11.66 -9.80
CA LYS A 548 22.56 10.78 -9.98
C LYS A 548 21.32 11.23 -9.20
N LEU A 549 21.51 12.07 -8.16
CA LEU A 549 20.37 12.61 -7.42
C LEU A 549 20.59 14.12 -7.41
N MET A 550 19.95 14.79 -8.36
CA MET A 550 20.17 16.22 -8.58
C MET A 550 19.13 16.99 -7.79
N LYS A 551 19.55 17.54 -6.67
CA LYS A 551 18.62 18.14 -5.70
C LYS A 551 18.04 19.42 -6.26
N ALA A 552 16.91 19.83 -5.68
CA ALA A 552 16.33 21.11 -6.01
C ALA A 552 17.36 22.24 -5.89
N GLY A 553 17.40 23.10 -6.89
CA GLY A 553 18.26 24.25 -6.86
C GLY A 553 19.66 24.02 -7.40
N ILE A 554 20.01 22.80 -7.78
CA ILE A 554 21.36 22.46 -8.23
C ILE A 554 21.49 22.71 -9.73
N THR A 555 22.67 23.19 -10.14
CA THR A 555 23.04 23.30 -11.56
C THR A 555 24.26 22.42 -11.81
N PHE A 556 24.22 21.66 -12.91
CA PHE A 556 25.41 21.02 -13.46
C PHE A 556 25.86 21.82 -14.69
N THR A 557 27.10 22.25 -14.71
CA THR A 557 27.69 22.93 -15.85
C THR A 557 28.89 22.11 -16.32
N PHE A 558 28.91 21.75 -17.60
CA PHE A 558 29.90 20.77 -18.06
C PHE A 558 30.23 21.00 -19.53
N ASP A 559 31.39 20.48 -19.92
CA ASP A 559 31.87 20.57 -21.29
C ASP A 559 31.49 19.31 -22.05
N LEU A 560 30.97 19.50 -23.26
CA LEU A 560 30.79 18.44 -24.23
C LEU A 560 31.79 18.66 -25.37
N ASN A 561 32.52 17.60 -25.69
CA ASN A 561 33.50 17.65 -26.76
C ASN A 561 32.88 17.32 -28.10
N LEU A 562 33.22 18.11 -29.11
CA LEU A 562 32.69 17.98 -30.45
C LEU A 562 33.81 17.65 -31.42
N ASP A 563 33.43 17.02 -32.53
CA ASP A 563 34.44 16.68 -33.55
C ASP A 563 34.94 17.92 -34.28
N LYS A 564 34.13 18.96 -34.34
CA LYS A 564 34.55 20.19 -35.01
C LYS A 564 34.07 21.39 -34.22
N ALA A 565 34.84 22.47 -34.32
CA ALA A 565 34.49 23.72 -33.67
C ALA A 565 33.16 24.22 -34.21
N ILE A 566 32.41 24.84 -33.32
CA ILE A 566 31.06 25.31 -33.61
C ILE A 566 31.01 26.79 -33.27
N GLU A 567 30.29 27.56 -34.09
CA GLU A 567 30.19 29.02 -33.92
C GLU A 567 28.84 29.47 -33.39
N ASP A 568 27.81 28.64 -33.54
CA ASP A 568 26.47 28.93 -33.02
C ASP A 568 25.80 27.60 -32.68
N THR A 569 24.56 27.68 -32.19
CA THR A 569 23.80 26.50 -31.80
C THR A 569 22.80 26.06 -32.86
N ASN A 570 22.96 26.53 -34.10
CA ASN A 570 21.93 26.33 -35.12
C ASN A 570 21.77 24.85 -35.47
N ASN A 571 22.84 24.05 -35.35
CA ASN A 571 22.79 22.62 -35.63
C ASN A 571 22.52 21.77 -34.39
N ILE A 572 22.16 22.36 -33.26
CA ILE A 572 21.58 21.62 -32.14
C ILE A 572 20.06 21.65 -32.30
N ILE A 573 19.44 20.47 -32.40
CA ILE A 573 18.00 20.40 -32.66
C ILE A 573 17.20 20.40 -31.36
N SER A 574 17.51 19.48 -30.46
CA SER A 574 16.71 19.35 -29.25
C SER A 574 17.54 18.72 -28.16
N ILE A 575 17.17 19.03 -26.92
CA ILE A 575 17.72 18.45 -25.72
C ILE A 575 16.58 18.04 -24.82
N GLU A 576 16.52 16.77 -24.50
CA GLU A 576 15.49 16.21 -23.62
C GLU A 576 16.15 15.52 -22.45
N VAL A 577 15.39 15.36 -21.36
CA VAL A 577 15.87 14.60 -20.21
C VAL A 577 14.82 13.61 -19.77
N SER A 578 15.28 12.47 -19.27
CA SER A 578 14.43 11.51 -18.62
C SER A 578 15.01 11.17 -17.24
N GLN A 579 14.18 10.51 -16.42
CA GLN A 579 14.58 10.09 -15.10
C GLN A 579 14.34 8.60 -14.94
N ARG A 580 14.99 8.04 -13.94
CA ARG A 580 14.75 6.68 -13.47
C ARG A 580 14.87 6.70 -11.96
N MET A 581 13.98 5.99 -11.27
CA MET A 581 14.10 5.93 -9.82
C MET A 581 15.38 5.24 -9.42
N TYR A 582 15.69 4.11 -10.07
CA TYR A 582 16.93 3.36 -9.89
C TYR A 582 17.59 3.19 -11.25
N GLN A 583 18.88 2.86 -11.26
CA GLN A 583 19.53 2.67 -12.56
C GLN A 583 18.86 1.58 -13.39
N THR A 584 18.24 0.60 -12.72
CA THR A 584 17.56 -0.57 -13.26
C THR A 584 16.10 -0.33 -13.66
N SER A 585 15.47 0.75 -13.24
CA SER A 585 14.03 0.87 -13.38
C SER A 585 13.69 1.68 -14.60
N PRO A 586 12.42 1.73 -14.98
CA PRO A 586 12.05 2.35 -16.25
C PRO A 586 12.27 3.84 -16.30
N GLU A 587 12.63 4.32 -17.47
CA GLU A 587 12.72 5.75 -17.71
C GLU A 587 11.34 6.35 -17.73
N PHE A 588 11.24 7.55 -17.19
CA PHE A 588 9.96 8.22 -17.09
C PHE A 588 10.16 9.70 -17.12
N ASN A 589 9.05 10.40 -17.30
CA ASN A 589 9.00 11.85 -17.29
C ASN A 589 9.96 12.47 -18.29
N ARG A 590 10.08 11.85 -19.47
CA ARG A 590 10.87 12.43 -20.52
C ARG A 590 10.29 13.80 -20.91
N GLN A 591 11.14 14.81 -20.90
CA GLN A 591 10.67 16.17 -21.16
C GLN A 591 11.70 16.94 -21.95
N THR A 592 11.21 17.86 -22.77
CA THR A 592 12.09 18.69 -23.59
C THR A 592 12.50 19.92 -22.82
N ILE A 593 13.81 20.18 -22.76
CA ILE A 593 14.31 21.36 -22.04
C ILE A 593 14.97 22.37 -22.93
N TRP A 594 15.19 22.07 -24.21
CA TRP A 594 15.80 23.03 -25.13
C TRP A 594 15.41 22.59 -26.53
N GLU A 595 14.91 23.53 -27.33
CA GLU A 595 14.49 23.20 -28.68
C GLU A 595 14.75 24.38 -29.58
N ASN A 596 15.13 24.10 -30.82
CA ASN A 596 15.47 25.16 -31.76
C ASN A 596 14.23 25.66 -32.51
C1 PIN B . 5.89 -3.98 13.96
C2 PIN B . 5.46 -2.62 14.46
N1 PIN B . 3.99 -2.48 14.41
C3 PIN B . 3.27 -3.47 15.21
C4 PIN B . 3.46 -2.53 13.05
C1' PIN B . -0.93 -2.74 12.71
C2' PIN B . -0.17 -2.61 14.03
N1' PIN B . 1.21 -3.08 13.92
C3' PIN B . 1.98 -2.16 13.05
C4' PIN B . 1.81 -3.11 15.26
S1 PIN B . 7.65 -4.21 13.93
S1' PIN B . -2.62 -2.28 12.82
O1 PIN B . 8.07 -4.34 15.31
O2 PIN B . 8.23 -3.06 13.25
O3 PIN B . 7.83 -5.44 13.22
O1' PIN B . -2.71 -0.83 12.76
O2' PIN B . -3.32 -3.01 11.78
O3' PIN B . -3.09 -2.66 14.19
H11 PIN B . 5.37 -4.74 14.55
H12 PIN B . 5.43 -4.14 12.99
H21 PIN B . 5.85 -2.50 15.46
H22 PIN B . 5.97 -1.87 13.85
H31 PIN B . 3.37 -4.48 14.80
H32 PIN B . 3.67 -3.54 16.22
H41 PIN B . 4.01 -1.84 12.40
H42 PIN B . 3.61 -3.51 12.61
H1'1 PIN B . -0.40 -2.16 11.96
H1'2 PIN B . -0.80 -3.76 12.35
H2'1 PIN B . -0.70 -3.16 14.81
H2'2 PIN B . -0.18 -1.57 14.36
H3'1 PIN B . 1.58 -2.18 12.04
H3'2 PIN B . 1.84 -1.14 13.38
H4'1 PIN B . 1.69 -2.13 15.75
H4'2 PIN B . 1.27 -3.80 15.91
HO3 PIN B . 8.63 -5.98 12.97
HO3' PIN B . -3.90 -3.12 14.53
C1 PIN C . -30.58 -3.39 -3.94
C2 PIN C . -31.70 -3.99 -3.10
N1 PIN C . -32.33 -2.97 -2.25
C3 PIN C . -32.54 -3.46 -0.89
C4 PIN C . -33.63 -2.54 -2.82
C1' PIN C . -36.03 -1.83 1.31
C2' PIN C . -35.20 -1.06 0.29
N1' PIN C . -34.50 -2.02 -0.58
C3' PIN C . -34.29 -1.48 -1.94
C4' PIN C . -33.21 -2.41 -0.02
S1 PIN C . -29.89 -4.54 -5.10
S1' PIN C . -36.50 -0.90 2.74
O1 PIN C . -30.25 -5.87 -4.65
O2 PIN C . -28.47 -4.28 -5.15
O3 PIN C . -30.55 -4.22 -6.42
O1' PIN C . -36.98 -1.84 3.73
O2' PIN C . -35.35 -0.13 3.15
O3' PIN C . -37.62 0.00 2.27
H11 PIN C . -30.98 -2.49 -4.41
H12 PIN C . -29.85 -2.97 -3.26
H21 PIN C . -32.42 -4.46 -3.78
H22 PIN C . -31.27 -4.80 -2.51
H31 PIN C . -33.17 -4.35 -0.87
H32 PIN C . -31.61 -3.76 -0.41
H41 PIN C . -33.49 -2.15 -3.83
H42 PIN C . -34.28 -3.40 -2.94
H1'1 PIN C . -35.49 -2.74 1.58
H1'2 PIN C . -36.89 -2.26 0.80
H2'1 PIN C . -35.84 -0.40 -0.29
H2'2 PIN C . -34.48 -0.41 0.79
H3'1 PIN C . -35.24 -1.17 -2.36
H3'2 PIN C . -33.69 -0.58 -1.89
H4'1 PIN C . -32.56 -1.54 0.08
H4'2 PIN C . -33.33 -2.77 1.00
HO3 PIN C . -30.31 -4.40 -7.36
HO3' PIN C . -37.66 0.94 1.93
NA NA D . -2.59 9.88 15.17
NA NA E . -27.41 3.58 -1.70
O1 PG4 F . -25.67 11.41 21.62
C1 PG4 F . -26.15 10.08 21.76
C2 PG4 F . -25.36 9.28 22.77
O2 PG4 F . -24.11 8.87 22.22
C3 PG4 F . -24.01 7.48 21.97
C4 PG4 F . -22.66 7.13 21.42
O3 PG4 F . -21.64 7.44 22.37
C5 PG4 F . -20.36 7.09 21.87
C6 PG4 F . -19.34 7.59 22.84
O4 PG4 F . -19.72 8.93 23.15
C7 PG4 F . -18.87 9.46 24.16
C8 PG4 F . -19.38 10.80 24.61
O5 PG4 F . -19.07 11.79 23.63
HO1 PG4 F . -26.16 11.78 21.03
H11 PG4 F . -27.08 10.11 22.06
H12 PG4 F . -26.10 9.63 20.90
H21 PG4 F . -25.20 9.82 23.56
H22 PG4 F . -25.86 8.49 23.03
H31 PG4 F . -24.15 6.98 22.80
H32 PG4 F . -24.69 7.21 21.33
H41 PG4 F . -22.62 6.18 21.21
H42 PG4 F . -22.51 7.65 20.60
H51 PG4 F . -20.30 6.12 21.80
H52 PG4 F . -20.22 7.49 21.00
H61 PG4 F . -19.34 7.04 23.65
H62 PG4 F . -18.46 7.57 22.44
H71 PG4 F . -18.86 8.85 24.92
H72 PG4 F . -17.97 9.55 23.82
H81 PG4 F . -20.33 10.76 24.74
H82 PG4 F . -18.96 11.04 25.45
HO5 PG4 F . -19.35 12.53 23.94
#